data_9D59
#
_entry.id   9D59
#
_cell.length_a   1.00
_cell.length_b   1.00
_cell.length_c   1.00
_cell.angle_alpha   90.00
_cell.angle_beta   90.00
_cell.angle_gamma   90.00
#
_symmetry.space_group_name_H-M   'P 1'
#
loop_
_entity.id
_entity.type
_entity.pdbx_description
1 polymer 'Multi-ubiquitin domain-containing protein'
2 non-polymer 'CALCIUM ION'
#
_entity_poly.entity_id   1
_entity_poly.type   'polypeptide(L)'
_entity_poly.pdbx_seq_one_letter_code
;MKSSHHHHHHENLYFQSNAQDIQSQHHHRRFIEVADETLSFRQVVMEDSTPNGSQISAASGFKPDQMPVVLMLLPNGSLE
DIRPDEVVDLSSEVRRFIVVESDRTYFFTIDGARLEWPCRFITGYSIRQLGDIGDNKKLLLEREDEADLEVQNDQIIDLD
GDGIERFISRKATWKLNIQGKEFTFDTPTVVIRDAVIRAGLNPNQAWHIFLKVEGQPKVEKNIDDVIDLRTPGIEKLRLT
PKDVNNG
;
_entity_poly.pdbx_strand_id   A,B,C,D
#
loop_
_chem_comp.id
_chem_comp.type
_chem_comp.name
_chem_comp.formula
CA non-polymer 'CALCIUM ION' 'Ca 2'
#
# COMPACT_ATOMS: atom_id res chain seq x y z
N ARG A 30 -5.74 -2.87 -20.28
CA ARG A 30 -5.07 -4.14 -20.03
C ARG A 30 -6.01 -5.13 -19.38
N PHE A 31 -5.66 -6.41 -19.48
CA PHE A 31 -6.42 -7.49 -18.86
C PHE A 31 -5.46 -8.51 -18.27
N ILE A 32 -5.82 -9.06 -17.13
CA ILE A 32 -5.08 -10.16 -16.52
C ILE A 32 -6.06 -11.24 -16.12
N GLU A 33 -5.54 -12.44 -15.89
CA GLU A 33 -6.34 -13.55 -15.37
C GLU A 33 -5.92 -13.82 -13.94
N VAL A 34 -6.91 -13.86 -13.04
CA VAL A 34 -6.67 -14.02 -11.62
C VAL A 34 -7.45 -15.23 -11.13
N ALA A 35 -6.79 -16.09 -10.35
CA ALA A 35 -7.41 -17.29 -9.80
C ALA A 35 -7.10 -17.37 -8.32
N ASP A 36 -7.57 -18.45 -7.70
CA ASP A 36 -7.40 -18.70 -6.28
C ASP A 36 -7.07 -20.18 -6.12
N GLU A 37 -7.22 -20.69 -4.89
CA GLU A 37 -6.90 -22.09 -4.63
C GLU A 37 -7.71 -23.05 -5.50
N THR A 38 -8.85 -22.60 -6.02
CA THR A 38 -9.64 -23.42 -6.94
C THR A 38 -9.08 -23.41 -8.36
N LEU A 39 -8.14 -22.52 -8.65
CA LEU A 39 -7.49 -22.43 -9.97
C LEU A 39 -8.51 -22.21 -11.08
N SER A 40 -9.48 -21.34 -10.83
CA SER A 40 -10.48 -20.93 -11.82
C SER A 40 -10.21 -19.47 -12.16
N PHE A 41 -9.54 -19.24 -13.29
CA PHE A 41 -9.11 -17.91 -13.66
C PHE A 41 -10.27 -17.05 -14.16
N ARG A 42 -10.21 -15.77 -13.83
CA ARG A 42 -11.23 -14.80 -14.24
C ARG A 42 -10.56 -13.55 -14.75
N GLN A 43 -11.26 -12.82 -15.61
CA GLN A 43 -10.71 -11.60 -16.20
C GLN A 43 -10.76 -10.46 -15.19
N VAL A 44 -9.65 -9.74 -15.06
CA VAL A 44 -9.54 -8.57 -14.20
C VAL A 44 -8.94 -7.44 -15.01
N VAL A 45 -9.54 -6.26 -14.93
CA VAL A 45 -9.12 -5.10 -15.71
C VAL A 45 -8.01 -4.37 -14.94
N MET A 46 -6.88 -4.16 -15.61
CA MET A 46 -5.76 -3.41 -15.04
C MET A 46 -5.64 -2.08 -15.77
N GLU A 47 -5.69 -1.00 -15.01
CA GLU A 47 -5.54 0.33 -15.58
C GLU A 47 -4.10 0.78 -15.70
N ASP A 48 -3.16 0.07 -15.09
CA ASP A 48 -1.74 0.39 -15.15
C ASP A 48 -0.99 -0.75 -15.83
N SER A 49 -0.16 -0.41 -16.81
CA SER A 49 0.60 -1.42 -17.53
C SER A 49 1.76 -1.97 -16.72
N THR A 50 2.21 -1.26 -15.69
CA THR A 50 3.29 -1.71 -14.81
C THR A 50 2.84 -1.58 -13.36
N PRO A 51 1.99 -2.49 -12.89
CA PRO A 51 1.55 -2.44 -11.50
C PRO A 51 2.45 -3.25 -10.58
N ASN A 52 2.31 -2.98 -9.29
CA ASN A 52 3.00 -3.76 -8.27
C ASN A 52 2.02 -4.76 -7.66
N GLY A 53 2.46 -5.47 -6.62
CA GLY A 53 1.60 -6.45 -6.00
C GLY A 53 0.37 -5.84 -5.35
N SER A 54 0.52 -4.63 -4.80
CA SER A 54 -0.62 -3.97 -4.16
C SER A 54 -1.71 -3.66 -5.18
N GLN A 55 -1.33 -3.16 -6.36
CA GLN A 55 -2.34 -2.84 -7.37
C GLN A 55 -3.03 -4.09 -7.88
N ILE A 56 -2.28 -5.18 -8.07
CA ILE A 56 -2.88 -6.44 -8.51
C ILE A 56 -3.84 -6.96 -7.45
N SER A 57 -3.46 -6.88 -6.17
CA SER A 57 -4.35 -7.31 -5.11
C SER A 57 -5.61 -6.46 -5.05
N ALA A 58 -5.46 -5.14 -5.19
CA ALA A 58 -6.62 -4.25 -5.15
C ALA A 58 -7.57 -4.51 -6.31
N ALA A 59 -7.03 -4.72 -7.51
CA ALA A 59 -7.87 -4.99 -8.66
C ALA A 59 -8.60 -6.32 -8.56
N SER A 60 -8.08 -7.25 -7.76
CA SER A 60 -8.73 -8.54 -7.57
C SER A 60 -9.82 -8.52 -6.51
N GLY A 61 -10.00 -7.39 -5.83
CA GLY A 61 -11.03 -7.27 -4.82
C GLY A 61 -10.57 -7.43 -3.39
N PHE A 62 -9.31 -7.14 -3.10
CA PHE A 62 -8.75 -7.29 -1.76
C PHE A 62 -8.40 -5.92 -1.20
N LYS A 63 -8.79 -5.67 0.05
CA LYS A 63 -8.45 -4.43 0.72
C LYS A 63 -6.95 -4.40 1.03
N PRO A 64 -6.37 -3.21 1.17
CA PRO A 64 -4.93 -3.12 1.45
C PRO A 64 -4.50 -3.83 2.71
N ASP A 65 -5.36 -3.88 3.73
CA ASP A 65 -5.00 -4.54 4.99
C ASP A 65 -4.94 -6.05 4.86
N GLN A 66 -5.70 -6.64 3.93
CA GLN A 66 -5.70 -8.09 3.78
C GLN A 66 -4.34 -8.61 3.29
N MET A 67 -3.72 -7.90 2.34
CA MET A 67 -2.40 -8.23 1.82
C MET A 67 -2.33 -9.69 1.38
N PRO A 68 -3.01 -10.06 0.30
CA PRO A 68 -3.00 -11.46 -0.12
C PRO A 68 -1.69 -11.84 -0.78
N VAL A 69 -1.45 -13.15 -0.84
CA VAL A 69 -0.30 -13.70 -1.53
C VAL A 69 -0.59 -13.74 -3.02
N VAL A 70 0.31 -13.16 -3.81
CA VAL A 70 0.17 -13.09 -5.27
C VAL A 70 1.30 -13.89 -5.89
N LEU A 71 0.95 -14.87 -6.73
CA LEU A 71 1.92 -15.72 -7.40
C LEU A 71 1.69 -15.62 -8.90
N MET A 72 2.70 -15.12 -9.63
CA MET A 72 2.62 -14.99 -11.07
C MET A 72 3.09 -16.28 -11.73
N LEU A 73 2.34 -16.74 -12.74
CA LEU A 73 2.68 -17.96 -13.47
C LEU A 73 3.68 -17.61 -14.57
N LEU A 74 4.90 -18.12 -14.45
CA LEU A 74 5.91 -17.88 -15.46
C LEU A 74 5.70 -18.79 -16.66
N PRO A 75 6.16 -18.37 -17.85
CA PRO A 75 5.97 -19.21 -19.04
C PRO A 75 6.62 -20.58 -18.93
N ASN A 76 7.77 -20.68 -18.25
CA ASN A 76 8.43 -21.98 -18.13
C ASN A 76 7.65 -22.94 -17.25
N GLY A 77 6.95 -22.43 -16.24
CA GLY A 77 6.15 -23.27 -15.38
C GLY A 77 6.29 -22.94 -13.90
N SER A 78 7.27 -22.11 -13.58
CA SER A 78 7.53 -21.76 -12.19
C SER A 78 6.53 -20.70 -11.72
N LEU A 79 6.45 -20.54 -10.40
CA LEU A 79 5.62 -19.54 -9.76
C LEU A 79 6.51 -18.51 -9.10
N GLU A 80 6.32 -17.24 -9.43
CA GLU A 80 7.11 -16.14 -8.89
C GLU A 80 6.27 -15.37 -7.88
N ASP A 81 6.77 -15.24 -6.66
CA ASP A 81 6.07 -14.46 -5.65
C ASP A 81 6.24 -12.98 -5.93
N ILE A 82 5.12 -12.25 -5.90
CA ILE A 82 5.11 -10.82 -6.18
C ILE A 82 4.92 -10.08 -4.87
N ARG A 83 5.91 -9.29 -4.49
CA ARG A 83 5.82 -8.49 -3.28
C ARG A 83 4.81 -7.36 -3.48
N PRO A 84 4.27 -6.80 -2.40
CA PRO A 84 3.35 -5.66 -2.54
C PRO A 84 3.97 -4.46 -3.22
N ASP A 85 5.29 -4.34 -3.25
CA ASP A 85 5.97 -3.23 -3.90
C ASP A 85 6.87 -3.68 -5.05
N GLU A 86 6.57 -4.85 -5.63
CA GLU A 86 7.36 -5.40 -6.73
C GLU A 86 6.61 -5.13 -8.03
N VAL A 87 7.19 -4.31 -8.90
CA VAL A 87 6.54 -3.91 -10.14
C VAL A 87 6.62 -5.05 -11.15
N VAL A 88 5.50 -5.32 -11.82
CA VAL A 88 5.40 -6.36 -12.84
C VAL A 88 5.06 -5.70 -14.17
N ASP A 89 5.78 -6.07 -15.22
CA ASP A 89 5.55 -5.53 -16.55
C ASP A 89 4.54 -6.40 -17.27
N LEU A 90 3.35 -5.85 -17.53
CA LEU A 90 2.27 -6.57 -18.17
C LEU A 90 2.21 -6.38 -19.67
N SER A 91 3.10 -5.58 -20.25
CA SER A 91 3.06 -5.33 -21.68
C SER A 91 3.45 -6.54 -22.51
N SER A 92 4.08 -7.55 -21.90
CA SER A 92 4.51 -8.74 -22.63
C SER A 92 3.32 -9.49 -23.22
N GLU A 93 2.45 -10.02 -22.37
CA GLU A 93 1.32 -10.82 -22.80
C GLU A 93 0.33 -10.87 -21.63
N VAL A 94 -0.77 -11.61 -21.81
CA VAL A 94 -1.78 -11.77 -20.77
C VAL A 94 -1.21 -12.74 -19.74
N ARG A 95 -0.72 -12.21 -18.62
CA ARG A 95 -0.13 -13.03 -17.58
C ARG A 95 -1.18 -13.48 -16.58
N ARG A 96 -0.90 -14.59 -15.92
CA ARG A 96 -1.83 -15.21 -14.98
C ARG A 96 -1.29 -15.11 -13.56
N PHE A 97 -2.20 -14.87 -12.62
CA PHE A 97 -1.84 -14.71 -11.21
C PHE A 97 -2.77 -15.56 -10.36
N ILE A 98 -2.24 -16.03 -9.24
CA ILE A 98 -2.99 -16.69 -8.19
C ILE A 98 -2.95 -15.77 -6.98
N VAL A 99 -4.09 -15.25 -6.59
CA VAL A 99 -4.18 -14.28 -5.50
C VAL A 99 -5.02 -14.94 -4.40
N VAL A 100 -4.35 -15.35 -3.32
CA VAL A 100 -5.00 -16.07 -2.23
C VAL A 100 -4.64 -15.38 -0.92
N GLU A 101 -5.66 -15.03 -0.14
CA GLU A 101 -5.44 -14.41 1.16
C GLU A 101 -4.88 -15.44 2.14
N SER A 102 -3.58 -15.35 2.41
CA SER A 102 -2.92 -16.28 3.32
C SER A 102 -1.73 -15.58 3.94
N ASP A 103 -1.26 -16.14 5.07
CA ASP A 103 -0.13 -15.58 5.80
C ASP A 103 1.13 -16.42 5.65
N ARG A 104 1.10 -17.45 4.81
CA ARG A 104 2.25 -18.35 4.69
C ARG A 104 2.19 -19.03 3.33
N THR A 105 3.33 -19.58 2.93
CA THR A 105 3.43 -20.37 1.71
C THR A 105 4.23 -21.63 1.99
N TYR A 106 3.82 -22.74 1.38
CA TYR A 106 4.50 -24.01 1.52
C TYR A 106 5.19 -24.36 0.21
N PHE A 107 6.37 -24.96 0.30
CA PHE A 107 7.14 -25.35 -0.87
C PHE A 107 7.01 -26.85 -1.10
N PHE A 108 6.74 -27.24 -2.34
CA PHE A 108 6.79 -28.64 -2.74
C PHE A 108 7.53 -28.71 -4.06
N THR A 109 7.71 -29.93 -4.58
CA THR A 109 8.42 -30.11 -5.84
C THR A 109 7.67 -31.10 -6.72
N ILE A 110 7.72 -30.84 -8.02
CA ILE A 110 7.22 -31.74 -9.04
C ILE A 110 8.38 -32.03 -9.98
N ASP A 111 8.82 -33.29 -10.01
CA ASP A 111 9.94 -33.73 -10.84
C ASP A 111 11.18 -32.86 -10.62
N GLY A 112 11.39 -32.47 -9.36
CA GLY A 112 12.54 -31.66 -8.99
C GLY A 112 12.36 -30.18 -9.19
N ALA A 113 11.24 -29.73 -9.73
CA ALA A 113 10.98 -28.30 -9.93
C ALA A 113 10.17 -27.78 -8.75
N ARG A 114 10.66 -26.73 -8.12
CA ARG A 114 10.03 -26.21 -6.90
C ARG A 114 8.80 -25.38 -7.25
N LEU A 115 7.75 -25.56 -6.46
CA LEU A 115 6.51 -24.81 -6.60
C LEU A 115 6.05 -24.36 -5.22
N GLU A 116 5.25 -23.31 -5.20
CA GLU A 116 4.82 -22.62 -3.99
C GLU A 116 3.31 -22.63 -3.91
N TRP A 117 2.78 -22.87 -2.71
CA TRP A 117 1.32 -22.95 -2.55
C TRP A 117 0.90 -22.27 -1.25
N PRO A 118 -0.02 -21.30 -1.32
CA PRO A 118 -0.39 -20.56 -0.10
C PRO A 118 -1.17 -21.38 0.91
N CYS A 119 -1.74 -22.51 0.52
CA CYS A 119 -2.55 -23.34 1.42
C CYS A 119 -1.76 -24.57 1.84
N ARG A 120 -2.18 -25.16 2.96
CA ARG A 120 -1.51 -26.35 3.49
C ARG A 120 -2.09 -27.64 2.94
N PHE A 121 -3.33 -27.64 2.44
CA PHE A 121 -3.95 -28.80 1.83
C PHE A 121 -4.09 -28.57 0.34
N ILE A 122 -3.56 -29.49 -0.46
CA ILE A 122 -3.59 -29.37 -1.91
C ILE A 122 -4.08 -30.69 -2.49
N THR A 123 -4.97 -30.60 -3.47
CA THR A 123 -5.50 -31.78 -4.12
C THR A 123 -4.61 -32.21 -5.28
N GLY A 124 -4.77 -33.47 -5.69
CA GLY A 124 -4.01 -33.96 -6.83
C GLY A 124 -4.32 -33.24 -8.12
N TYR A 125 -5.58 -32.83 -8.30
CA TYR A 125 -5.96 -32.05 -9.47
C TYR A 125 -5.20 -30.73 -9.52
N SER A 126 -5.08 -30.05 -8.38
CA SER A 126 -4.33 -28.81 -8.33
C SER A 126 -2.85 -29.04 -8.65
N ILE A 127 -2.29 -30.14 -8.15
CA ILE A 127 -0.90 -30.47 -8.44
C ILE A 127 -0.70 -30.69 -9.92
N ARG A 128 -1.63 -31.43 -10.55
CA ARG A 128 -1.53 -31.66 -11.99
C ARG A 128 -1.65 -30.34 -12.77
N GLN A 129 -2.56 -29.47 -12.35
CA GLN A 129 -2.71 -28.18 -13.02
C GLN A 129 -1.45 -27.33 -12.90
N LEU A 130 -0.85 -27.30 -11.71
CA LEU A 130 0.35 -26.50 -11.51
C LEU A 130 1.54 -27.06 -12.27
N GLY A 131 1.73 -28.37 -12.22
CA GLY A 131 2.85 -29.00 -12.89
C GLY A 131 2.64 -29.30 -14.36
N ASP A 132 1.45 -29.00 -14.89
CA ASP A 132 1.12 -29.29 -16.30
C ASP A 132 1.35 -30.76 -16.62
N ILE A 133 0.96 -31.64 -15.70
CA ILE A 133 1.14 -33.07 -15.89
C ILE A 133 0.00 -33.61 -16.74
N GLY A 134 0.34 -34.33 -17.80
CA GLY A 134 -0.68 -34.89 -18.66
C GLY A 134 -1.51 -35.94 -17.95
N ASP A 135 -2.74 -36.11 -18.42
CA ASP A 135 -3.66 -37.07 -17.82
C ASP A 135 -3.26 -38.52 -18.10
N ASN A 136 -2.29 -38.75 -18.98
CA ASN A 136 -1.81 -40.09 -19.28
C ASN A 136 -0.69 -40.54 -18.36
N LYS A 137 -0.36 -39.74 -17.35
CA LYS A 137 0.70 -40.06 -16.41
C LYS A 137 0.14 -40.26 -15.02
N LYS A 138 0.90 -40.97 -14.20
CA LYS A 138 0.54 -41.28 -12.82
C LYS A 138 1.32 -40.38 -11.88
N LEU A 139 0.62 -39.80 -10.91
CA LEU A 139 1.21 -38.91 -9.92
C LEU A 139 1.48 -39.68 -8.63
N LEU A 140 2.68 -39.50 -8.08
CA LEU A 140 3.12 -40.20 -6.89
C LEU A 140 3.74 -39.22 -5.90
N LEU A 141 3.63 -39.55 -4.62
CA LEU A 141 4.27 -38.80 -3.55
C LEU A 141 5.44 -39.61 -3.04
N GLU A 142 6.63 -39.02 -3.07
CA GLU A 142 7.83 -39.74 -2.68
C GLU A 142 7.82 -40.07 -1.19
N ARG A 143 8.22 -41.30 -0.87
CA ARG A 143 8.32 -41.77 0.49
C ARG A 143 9.63 -42.52 0.67
N GLU A 144 10.07 -42.61 1.93
CA GLU A 144 11.32 -43.30 2.25
C GLU A 144 11.13 -44.55 3.08
N ASP A 145 10.14 -44.59 3.98
CA ASP A 145 9.90 -45.75 4.81
C ASP A 145 8.96 -46.77 4.17
N GLU A 146 8.37 -46.44 3.02
CA GLU A 146 7.46 -47.35 2.34
C GLU A 146 7.37 -46.93 0.88
N ALA A 147 6.53 -47.64 0.12
CA ALA A 147 6.38 -47.36 -1.30
C ALA A 147 5.77 -45.98 -1.50
N ASP A 148 6.14 -45.35 -2.61
CA ASP A 148 5.63 -44.02 -2.94
C ASP A 148 4.11 -44.06 -3.07
N LEU A 149 3.45 -43.08 -2.46
CA LEU A 149 2.00 -43.04 -2.43
C LEU A 149 1.45 -42.43 -3.71
N GLU A 150 0.49 -43.11 -4.32
CA GLU A 150 -0.18 -42.59 -5.50
C GLU A 150 -1.24 -41.57 -5.11
N VAL A 151 -1.26 -40.44 -5.81
CA VAL A 151 -2.16 -39.34 -5.48
C VAL A 151 -3.26 -39.29 -6.53
N GLN A 152 -4.50 -39.41 -6.08
CA GLN A 152 -5.65 -39.31 -6.97
C GLN A 152 -5.99 -37.84 -7.21
N ASN A 153 -6.95 -37.60 -8.11
CA ASN A 153 -7.34 -36.23 -8.42
C ASN A 153 -7.97 -35.54 -7.22
N ASP A 154 -8.82 -36.26 -6.48
CA ASP A 154 -9.52 -35.70 -5.34
C ASP A 154 -8.81 -35.96 -4.02
N GLN A 155 -7.67 -36.65 -4.04
CA GLN A 155 -6.94 -36.92 -2.81
C GLN A 155 -6.27 -35.65 -2.31
N ILE A 156 -6.28 -35.46 -0.99
CA ILE A 156 -5.76 -34.25 -0.36
C ILE A 156 -4.43 -34.57 0.30
N ILE A 157 -3.41 -33.78 -0.02
CA ILE A 157 -2.09 -33.90 0.57
C ILE A 157 -1.86 -32.70 1.47
N ASP A 158 -1.39 -32.97 2.69
CA ASP A 158 -1.13 -31.93 3.68
C ASP A 158 0.33 -31.48 3.54
N LEU A 159 0.52 -30.22 3.12
CA LEU A 159 1.86 -29.68 2.97
C LEU A 159 2.47 -29.24 4.30
N ASP A 160 1.70 -29.21 5.38
CA ASP A 160 2.21 -28.77 6.67
C ASP A 160 3.21 -29.75 7.27
N GLY A 161 3.33 -30.96 6.72
CA GLY A 161 4.31 -31.89 7.23
C GLY A 161 5.72 -31.37 7.05
N ASP A 162 6.60 -31.77 7.96
CA ASP A 162 7.98 -31.29 7.95
C ASP A 162 8.68 -31.76 6.67
N GLY A 163 9.53 -30.89 6.13
CA GLY A 163 10.25 -31.18 4.91
C GLY A 163 9.46 -30.80 3.67
N ILE A 164 10.18 -30.71 2.56
CA ILE A 164 9.57 -30.35 1.29
C ILE A 164 8.98 -31.60 0.67
N GLU A 165 7.67 -31.58 0.43
CA GLU A 165 7.00 -32.70 -0.21
C GLU A 165 7.40 -32.80 -1.67
N ARG A 166 7.74 -34.01 -2.11
CA ARG A 166 8.24 -34.24 -3.46
C ARG A 166 7.24 -35.09 -4.23
N PHE A 167 6.86 -34.62 -5.41
CA PHE A 167 5.92 -35.32 -6.27
C PHE A 167 6.61 -35.77 -7.55
N ILE A 168 6.14 -36.88 -8.09
CA ILE A 168 6.80 -37.56 -9.21
C ILE A 168 5.74 -37.95 -10.23
N SER A 169 6.07 -37.81 -11.51
CA SER A 169 5.19 -38.22 -12.60
C SER A 169 5.83 -39.41 -13.32
N ARG A 170 5.09 -40.50 -13.42
CA ARG A 170 5.56 -41.72 -14.06
C ARG A 170 4.56 -42.14 -15.14
N LYS A 171 4.92 -43.17 -15.89
CA LYS A 171 4.01 -43.73 -16.87
C LYS A 171 2.85 -44.43 -16.16
N ALA A 172 1.66 -44.32 -16.75
CA ALA A 172 0.44 -44.87 -16.14
C ALA A 172 0.42 -46.38 -16.35
N THR A 173 1.24 -47.06 -15.53
CA THR A 173 1.28 -48.52 -15.53
C THR A 173 1.17 -49.02 -14.10
N TRP A 174 0.37 -50.06 -13.91
CA TRP A 174 0.16 -50.66 -12.60
C TRP A 174 0.53 -52.14 -12.65
N LYS A 175 1.23 -52.60 -11.62
CA LYS A 175 1.67 -53.98 -11.55
C LYS A 175 0.64 -54.87 -10.84
N ARG B 30 34.16 -12.90 -7.36
CA ARG B 30 33.03 -12.26 -6.69
C ARG B 30 32.92 -12.72 -5.24
N PHE B 31 32.22 -11.92 -4.43
CA PHE B 31 31.95 -12.25 -3.04
C PHE B 31 30.52 -11.87 -2.70
N ILE B 32 29.89 -12.70 -1.86
CA ILE B 32 28.57 -12.40 -1.33
C ILE B 32 28.61 -12.62 0.17
N GLU B 33 27.61 -12.07 0.87
CA GLU B 33 27.45 -12.30 2.29
C GLU B 33 26.21 -13.17 2.50
N VAL B 34 26.36 -14.26 3.24
CA VAL B 34 25.31 -15.23 3.46
C VAL B 34 25.10 -15.41 4.95
N ALA B 35 23.84 -15.37 5.38
CA ALA B 35 23.48 -15.53 6.77
C ALA B 35 22.37 -16.57 6.90
N ASP B 36 21.91 -16.76 8.12
CA ASP B 36 20.86 -17.72 8.44
C ASP B 36 19.93 -17.06 9.46
N GLU B 37 19.13 -17.87 10.14
CA GLU B 37 18.18 -17.32 11.11
C GLU B 37 18.88 -16.52 12.22
N THR B 38 20.17 -16.77 12.46
CA THR B 38 20.93 -15.97 13.41
C THR B 38 21.35 -14.63 12.86
N LEU B 39 21.21 -14.40 11.55
CA LEU B 39 21.55 -13.13 10.91
C LEU B 39 23.01 -12.75 11.14
N SER B 40 23.91 -13.73 11.06
CA SER B 40 25.35 -13.51 11.15
C SER B 40 25.94 -13.78 9.78
N PHE B 41 26.22 -12.71 9.03
CA PHE B 41 26.66 -12.84 7.65
C PHE B 41 28.11 -13.28 7.58
N ARG B 42 28.41 -14.10 6.56
CA ARG B 42 29.75 -14.60 6.32
C ARG B 42 30.07 -14.49 4.84
N GLN B 43 31.36 -14.40 4.53
CA GLN B 43 31.81 -14.27 3.15
C GLN B 43 31.72 -15.60 2.42
N VAL B 44 31.15 -15.58 1.22
CA VAL B 44 31.04 -16.74 0.36
C VAL B 44 31.55 -16.35 -1.02
N VAL B 45 32.40 -17.19 -1.60
CA VAL B 45 33.01 -16.91 -2.89
C VAL B 45 32.08 -17.41 -3.99
N MET B 46 31.74 -16.53 -4.93
CA MET B 46 30.92 -16.86 -6.08
C MET B 46 31.80 -16.82 -7.33
N GLU B 47 31.84 -17.94 -8.05
CA GLU B 47 32.60 -18.02 -9.29
C GLU B 47 31.83 -17.54 -10.51
N ASP B 48 30.52 -17.33 -10.38
CA ASP B 48 29.68 -16.87 -11.48
C ASP B 48 29.08 -15.52 -11.10
N SER B 49 29.19 -14.55 -12.02
CA SER B 49 28.66 -13.22 -11.76
C SER B 49 27.14 -13.16 -11.86
N THR B 50 26.51 -14.13 -12.54
CA THR B 50 25.06 -14.19 -12.67
C THR B 50 24.59 -15.60 -12.28
N PRO B 51 24.56 -15.91 -10.99
CA PRO B 51 24.09 -17.22 -10.56
C PRO B 51 22.59 -17.24 -10.29
N ASN B 52 22.05 -18.45 -10.23
CA ASN B 52 20.66 -18.64 -9.84
C ASN B 52 20.60 -19.08 -8.38
N GLY B 53 19.39 -19.41 -7.91
CA GLY B 53 19.25 -19.82 -6.52
C GLY B 53 20.00 -21.09 -6.21
N SER B 54 20.06 -22.02 -7.17
CA SER B 54 20.76 -23.27 -6.93
C SER B 54 22.25 -23.04 -6.71
N GLN B 55 22.87 -22.17 -7.50
CA GLN B 55 24.29 -21.90 -7.34
C GLN B 55 24.57 -21.21 -6.00
N ILE B 56 23.71 -20.28 -5.61
CA ILE B 56 23.89 -19.60 -4.32
C ILE B 56 23.74 -20.60 -3.18
N SER B 57 22.77 -21.51 -3.27
CA SER B 57 22.61 -22.52 -2.24
C SER B 57 23.82 -23.45 -2.18
N ALA B 58 24.33 -23.86 -3.34
CA ALA B 58 25.47 -24.76 -3.37
C ALA B 58 26.72 -24.09 -2.80
N ALA B 59 26.94 -22.82 -3.13
CA ALA B 59 28.10 -22.11 -2.61
C ALA B 59 28.02 -21.89 -1.10
N SER B 60 26.82 -21.91 -0.53
CA SER B 60 26.64 -21.74 0.90
C SER B 60 26.81 -23.05 1.68
N GLY B 61 27.02 -24.16 0.99
CA GLY B 61 27.21 -25.44 1.65
C GLY B 61 25.99 -26.32 1.73
N PHE B 62 25.04 -26.18 0.82
CA PHE B 62 23.81 -26.97 0.82
C PHE B 62 23.79 -27.89 -0.40
N LYS B 63 23.45 -29.15 -0.17
CA LYS B 63 23.31 -30.11 -1.25
C LYS B 63 22.09 -29.77 -2.09
N PRO B 64 22.07 -30.19 -3.37
CA PRO B 64 20.92 -29.87 -4.23
C PRO B 64 19.60 -30.39 -3.71
N ASP B 65 19.60 -31.53 -3.02
CA ASP B 65 18.36 -32.11 -2.51
C ASP B 65 17.78 -31.31 -1.35
N GLN B 66 18.61 -30.60 -0.59
CA GLN B 66 18.12 -29.83 0.54
C GLN B 66 17.23 -28.67 0.10
N MET B 67 17.61 -27.97 -0.97
CA MET B 67 16.86 -26.88 -1.56
C MET B 67 16.47 -25.85 -0.51
N PRO B 68 17.43 -25.09 0.02
CA PRO B 68 17.10 -24.12 1.06
C PRO B 68 16.40 -22.89 0.50
N VAL B 69 15.73 -22.18 1.40
CA VAL B 69 15.09 -20.91 1.06
C VAL B 69 16.15 -19.82 1.04
N VAL B 70 16.19 -19.08 -0.07
CA VAL B 70 17.17 -18.01 -0.27
C VAL B 70 16.40 -16.70 -0.39
N LEU B 71 16.74 -15.74 0.46
CA LEU B 71 16.10 -14.43 0.48
C LEU B 71 17.16 -13.36 0.30
N MET B 72 17.07 -12.61 -0.80
CA MET B 72 18.02 -11.53 -1.08
C MET B 72 17.54 -10.25 -0.42
N LEU B 73 18.47 -9.53 0.21
CA LEU B 73 18.17 -8.26 0.87
C LEU B 73 18.23 -7.14 -0.16
N LEU B 74 17.09 -6.52 -0.43
CA LEU B 74 17.04 -5.42 -1.37
C LEU B 74 17.54 -4.14 -0.71
N PRO B 75 18.06 -3.19 -1.50
CA PRO B 75 18.54 -1.93 -0.91
C PRO B 75 17.46 -1.15 -0.17
N ASN B 76 16.22 -1.19 -0.65
CA ASN B 76 15.15 -0.44 0.02
C ASN B 76 14.82 -1.04 1.38
N GLY B 77 14.94 -2.35 1.53
CA GLY B 77 14.67 -2.99 2.80
C GLY B 77 13.84 -4.25 2.70
N SER B 78 13.30 -4.49 1.51
CA SER B 78 12.45 -5.66 1.29
C SER B 78 13.31 -6.92 1.11
N LEU B 79 12.66 -8.07 1.22
CA LEU B 79 13.30 -9.36 1.01
C LEU B 79 12.70 -10.00 -0.23
N GLU B 80 13.55 -10.37 -1.18
CA GLU B 80 13.10 -10.99 -2.43
C GLU B 80 13.44 -12.47 -2.41
N ASP B 81 12.42 -13.30 -2.61
CA ASP B 81 12.64 -14.74 -2.66
C ASP B 81 13.29 -15.10 -3.99
N ILE B 82 14.36 -15.90 -3.92
CA ILE B 82 15.11 -16.32 -5.10
C ILE B 82 14.79 -17.78 -5.37
N ARG B 83 14.18 -18.05 -6.53
CA ARG B 83 13.87 -19.40 -6.92
C ARG B 83 15.16 -20.14 -7.28
N PRO B 84 15.13 -21.48 -7.24
CA PRO B 84 16.33 -22.23 -7.63
C PRO B 84 16.77 -21.99 -9.07
N ASP B 85 15.89 -21.48 -9.92
CA ASP B 85 16.23 -21.19 -11.32
C ASP B 85 16.09 -19.71 -11.64
N GLU B 86 16.15 -18.84 -10.64
CA GLU B 86 16.02 -17.40 -10.82
C GLU B 86 17.41 -16.78 -10.81
N VAL B 87 17.83 -16.21 -11.94
CA VAL B 87 19.17 -15.66 -12.07
C VAL B 87 19.24 -14.31 -11.37
N VAL B 88 20.31 -14.10 -10.60
CA VAL B 88 20.55 -12.86 -9.87
C VAL B 88 21.82 -12.23 -10.41
N ASP B 89 21.76 -10.94 -10.70
CA ASP B 89 22.92 -10.20 -11.21
C ASP B 89 23.71 -9.64 -10.02
N LEU B 90 24.92 -10.15 -9.83
CA LEU B 90 25.76 -9.75 -8.71
C LEU B 90 26.75 -8.66 -9.07
N SER B 91 26.77 -8.19 -10.32
CA SER B 91 27.73 -7.17 -10.72
C SER B 91 27.44 -5.81 -10.10
N SER B 92 26.24 -5.60 -9.56
CA SER B 92 25.88 -4.32 -8.98
C SER B 92 26.76 -3.97 -7.78
N GLU B 93 26.67 -4.77 -6.72
CA GLU B 93 27.39 -4.52 -5.48
C GLU B 93 27.41 -5.83 -4.69
N VAL B 94 28.00 -5.79 -3.49
CA VAL B 94 28.04 -6.96 -2.62
C VAL B 94 26.65 -7.12 -2.00
N ARG B 95 25.87 -8.06 -2.54
CA ARG B 95 24.52 -8.29 -2.07
C ARG B 95 24.51 -9.31 -0.94
N ARG B 96 23.48 -9.23 -0.12
CA ARG B 96 23.34 -10.08 1.07
C ARG B 96 22.18 -11.04 0.89
N PHE B 97 22.37 -12.27 1.37
CA PHE B 97 21.38 -13.32 1.26
C PHE B 97 21.20 -14.00 2.61
N ILE B 98 19.98 -14.47 2.85
CA ILE B 98 19.65 -15.32 3.98
C ILE B 98 19.29 -16.68 3.41
N VAL B 99 20.08 -17.70 3.71
CA VAL B 99 19.90 -19.04 3.17
C VAL B 99 19.60 -19.95 4.34
N VAL B 100 18.33 -20.36 4.46
CA VAL B 100 17.88 -21.18 5.58
C VAL B 100 17.15 -22.40 5.03
N GLU B 101 17.56 -23.58 5.47
CA GLU B 101 16.90 -24.82 5.04
C GLU B 101 15.53 -24.91 5.68
N SER B 102 14.48 -24.65 4.90
CA SER B 102 13.12 -24.70 5.41
C SER B 102 12.18 -25.03 4.25
N ASP B 103 10.98 -25.50 4.59
CA ASP B 103 9.98 -25.88 3.62
C ASP B 103 8.83 -24.89 3.53
N ARG B 104 8.92 -23.77 4.24
CA ARG B 104 7.82 -22.81 4.27
C ARG B 104 8.37 -21.44 4.63
N THR B 105 7.57 -20.42 4.35
CA THR B 105 7.88 -19.06 4.73
C THR B 105 6.64 -18.39 5.32
N TYR B 106 6.84 -17.58 6.35
CA TYR B 106 5.77 -16.85 6.99
C TYR B 106 5.91 -15.36 6.67
N PHE B 107 4.78 -14.70 6.47
CA PHE B 107 4.75 -13.28 6.16
C PHE B 107 4.36 -12.49 7.39
N PHE B 108 5.11 -11.42 7.66
CA PHE B 108 4.74 -10.46 8.69
C PHE B 108 4.95 -9.06 8.12
N THR B 109 4.63 -8.05 8.91
CA THR B 109 4.78 -6.67 8.45
C THR B 109 5.42 -5.82 9.53
N ILE B 110 6.25 -4.87 9.08
CA ILE B 110 6.83 -3.84 9.94
C ILE B 110 6.43 -2.50 9.36
N ASP B 111 5.62 -1.75 10.10
CA ASP B 111 5.13 -0.44 9.67
C ASP B 111 4.47 -0.51 8.29
N GLY B 112 3.75 -1.61 8.06
CA GLY B 112 3.06 -1.81 6.80
C GLY B 112 3.89 -2.38 5.67
N ALA B 113 5.18 -2.59 5.89
CA ALA B 113 6.06 -3.17 4.87
C ALA B 113 6.16 -4.67 5.12
N ARG B 114 5.87 -5.46 4.08
CA ARG B 114 5.83 -6.91 4.23
C ARG B 114 7.23 -7.50 4.21
N LEU B 115 7.46 -8.47 5.09
CA LEU B 115 8.72 -9.19 5.19
C LEU B 115 8.42 -10.68 5.33
N GLU B 116 9.42 -11.48 4.95
CA GLU B 116 9.28 -12.92 4.84
C GLU B 116 10.31 -13.59 5.73
N TRP B 117 9.90 -14.65 6.43
CA TRP B 117 10.80 -15.33 7.35
C TRP B 117 10.62 -16.84 7.26
N PRO B 118 11.71 -17.59 7.01
CA PRO B 118 11.57 -19.04 6.82
C PRO B 118 11.20 -19.79 8.09
N CYS B 119 11.38 -19.21 9.27
CA CYS B 119 11.10 -19.88 10.53
C CYS B 119 9.80 -19.36 11.12
N ARG B 120 9.20 -20.16 12.01
CA ARG B 120 7.96 -19.77 12.66
C ARG B 120 8.16 -18.98 13.94
N PHE B 121 9.33 -19.09 14.57
CA PHE B 121 9.65 -18.33 15.78
C PHE B 121 10.70 -17.29 15.43
N ILE B 122 10.42 -16.03 15.74
CA ILE B 122 11.32 -14.94 15.44
C ILE B 122 11.48 -14.07 16.68
N THR B 123 12.72 -13.69 16.98
CA THR B 123 12.99 -12.84 18.13
C THR B 123 12.86 -11.37 17.78
N GLY B 124 12.70 -10.54 18.80
CA GLY B 124 12.61 -9.11 18.58
C GLY B 124 13.88 -8.53 17.98
N TYR B 125 15.04 -9.08 18.36
CA TYR B 125 16.30 -8.63 17.78
C TYR B 125 16.32 -8.87 16.27
N SER B 126 15.85 -10.04 15.84
CA SER B 126 15.79 -10.34 14.41
C SER B 126 14.83 -9.39 13.69
N ILE B 127 13.70 -9.07 14.33
CA ILE B 127 12.75 -8.14 13.73
C ILE B 127 13.38 -6.77 13.57
N ARG B 128 14.11 -6.31 14.59
CA ARG B 128 14.77 -5.01 14.49
C ARG B 128 15.84 -5.03 13.40
N GLN B 129 16.60 -6.12 13.29
CA GLN B 129 17.61 -6.21 12.24
C GLN B 129 16.98 -6.18 10.86
N LEU B 130 15.88 -6.91 10.66
CA LEU B 130 15.24 -6.96 9.36
C LEU B 130 14.61 -5.62 9.00
N GLY B 131 13.91 -5.00 9.94
CA GLY B 131 13.26 -3.73 9.69
C GLY B 131 14.14 -2.51 9.81
N ASP B 132 15.41 -2.68 10.19
CA ASP B 132 16.34 -1.57 10.40
C ASP B 132 15.77 -0.56 11.38
N ILE B 133 15.16 -1.06 12.45
CA ILE B 133 14.56 -0.20 13.47
C ILE B 133 15.64 0.26 14.43
N GLY B 134 15.72 1.57 14.65
CA GLY B 134 16.71 2.11 15.55
C GLY B 134 16.48 1.67 16.98
N ASP B 135 17.56 1.63 17.76
CA ASP B 135 17.46 1.22 19.15
C ASP B 135 16.76 2.25 20.03
N ASN B 136 16.50 3.45 19.51
CA ASN B 136 15.79 4.47 20.26
C ASN B 136 14.28 4.38 20.12
N LYS B 137 13.78 3.35 19.43
CA LYS B 137 12.35 3.16 19.22
C LYS B 137 11.87 1.91 19.94
N LYS B 138 10.56 1.87 20.18
CA LYS B 138 9.90 0.77 20.85
C LYS B 138 9.17 -0.09 19.82
N LEU B 139 9.34 -1.39 19.93
CA LEU B 139 8.70 -2.34 19.02
C LEU B 139 7.46 -2.94 19.67
N LEU B 140 6.36 -2.96 18.92
CA LEU B 140 5.08 -3.44 19.42
C LEU B 140 4.47 -4.41 18.43
N LEU B 141 3.67 -5.34 18.96
CA LEU B 141 2.90 -6.28 18.15
C LEU B 141 1.44 -5.86 18.19
N GLU B 142 0.86 -5.62 17.02
CA GLU B 142 -0.51 -5.14 16.96
C GLU B 142 -1.50 -6.18 17.47
N ARG B 143 -2.46 -5.73 18.27
CA ARG B 143 -3.52 -6.57 18.80
C ARG B 143 -4.85 -5.86 18.66
N GLU B 144 -5.92 -6.65 18.68
CA GLU B 144 -7.27 -6.11 18.55
C GLU B 144 -8.13 -6.29 19.80
N ASP B 145 -7.95 -7.38 20.54
CA ASP B 145 -8.73 -7.63 21.74
C ASP B 145 -8.10 -7.04 22.99
N GLU B 146 -6.89 -6.49 22.89
CA GLU B 146 -6.21 -5.91 24.05
C GLU B 146 -5.14 -4.95 23.53
N ALA B 147 -4.39 -4.38 24.47
CA ALA B 147 -3.35 -3.43 24.12
C ALA B 147 -2.24 -4.12 23.33
N ASP B 148 -1.61 -3.36 22.44
CA ASP B 148 -0.53 -3.90 21.63
C ASP B 148 0.61 -4.38 22.51
N LEU B 149 1.12 -5.57 22.21
CA LEU B 149 2.16 -6.19 23.03
C LEU B 149 3.53 -5.65 22.66
N GLU B 150 4.29 -5.25 23.67
CA GLU B 150 5.66 -4.80 23.45
C GLU B 150 6.58 -5.99 23.32
N VAL B 151 7.46 -5.95 22.33
CA VAL B 151 8.36 -7.06 22.00
C VAL B 151 9.76 -6.68 22.45
N GLN B 152 10.34 -7.47 23.34
CA GLN B 152 11.70 -7.27 23.78
C GLN B 152 12.68 -7.87 22.77
N ASN B 153 13.97 -7.63 23.00
CA ASN B 153 14.99 -8.15 22.09
C ASN B 153 15.01 -9.67 22.09
N ASP B 154 14.91 -10.28 23.27
CA ASP B 154 14.97 -11.73 23.41
C ASP B 154 13.59 -12.39 23.41
N GLN B 155 12.52 -11.61 23.29
CA GLN B 155 11.18 -12.18 23.28
C GLN B 155 10.93 -12.88 21.94
N ILE B 156 10.25 -14.03 22.01
CA ILE B 156 10.02 -14.86 20.84
C ILE B 156 8.56 -14.72 20.42
N ILE B 157 8.33 -14.41 19.15
CA ILE B 157 7.00 -14.30 18.56
C ILE B 157 6.80 -15.46 17.61
N ASP B 158 5.67 -16.14 17.75
CA ASP B 158 5.32 -17.29 16.92
C ASP B 158 4.56 -16.80 15.70
N LEU B 159 5.16 -16.94 14.52
CA LEU B 159 4.52 -16.54 13.28
C LEU B 159 3.50 -17.54 12.78
N ASP B 160 3.44 -18.73 13.38
CA ASP B 160 2.50 -19.77 12.93
C ASP B 160 1.05 -19.41 13.22
N GLY B 161 0.80 -18.38 14.03
CA GLY B 161 -0.57 -17.97 14.28
C GLY B 161 -1.25 -17.50 13.02
N ASP B 162 -2.57 -17.70 12.97
CA ASP B 162 -3.35 -17.35 11.79
C ASP B 162 -3.30 -15.85 11.55
N GLY B 163 -3.25 -15.47 10.28
CA GLY B 163 -3.16 -14.07 9.90
C GLY B 163 -1.73 -13.56 9.86
N ILE B 164 -1.57 -12.42 9.20
CA ILE B 164 -0.25 -11.81 9.07
C ILE B 164 0.03 -10.99 10.33
N GLU B 165 1.11 -11.33 11.02
CA GLU B 165 1.49 -10.59 12.22
C GLU B 165 2.01 -9.21 11.83
N ARG B 166 1.54 -8.19 12.53
CA ARG B 166 1.87 -6.81 12.22
C ARG B 166 2.68 -6.21 13.35
N PHE B 167 3.83 -5.61 13.01
CA PHE B 167 4.71 -4.99 13.98
C PHE B 167 4.77 -3.49 13.74
N ILE B 168 4.97 -2.75 14.82
CA ILE B 168 4.88 -1.29 14.81
C ILE B 168 6.07 -0.72 15.58
N SER B 169 6.62 0.37 15.07
CA SER B 169 7.70 1.08 15.74
C SER B 169 7.19 2.43 16.20
N ARG B 170 7.34 2.71 17.50
CA ARG B 170 6.88 3.97 18.09
C ARG B 170 8.04 4.61 18.84
N LYS B 171 7.80 5.82 19.35
CA LYS B 171 8.79 6.49 20.17
C LYS B 171 8.93 5.77 21.51
N ALA B 172 10.15 5.72 22.02
CA ALA B 172 10.45 4.99 23.26
C ALA B 172 9.96 5.82 24.44
N THR B 173 8.65 5.80 24.65
CA THR B 173 8.02 6.47 25.78
C THR B 173 7.07 5.50 26.47
N TRP B 174 7.11 5.49 27.80
CA TRP B 174 6.26 4.63 28.61
C TRP B 174 5.42 5.47 29.56
N LYS B 175 4.15 5.12 29.69
CA LYS B 175 3.24 5.86 30.55
C LYS B 175 3.21 5.28 31.95
N ARG C 30 14.12 7.37 -14.14
CA ARG C 30 13.34 8.58 -13.92
C ARG C 30 13.82 9.34 -12.68
N PHE C 31 13.48 10.62 -12.62
CA PHE C 31 13.80 11.46 -11.48
C PHE C 31 12.63 12.37 -11.17
N ILE C 32 12.39 12.60 -9.88
CA ILE C 32 11.39 13.56 -9.43
C ILE C 32 12.02 14.46 -8.39
N GLU C 33 11.38 15.58 -8.13
CA GLU C 33 11.80 16.49 -7.06
C GLU C 33 10.76 16.42 -5.94
N VAL C 34 11.23 16.20 -4.73
CA VAL C 34 10.36 16.02 -3.56
C VAL C 34 10.77 17.01 -2.49
N ALA C 35 9.78 17.70 -1.93
CA ALA C 35 10.01 18.69 -0.89
C ALA C 35 9.06 18.42 0.28
N ASP C 36 9.14 19.30 1.27
CA ASP C 36 8.32 19.20 2.48
C ASP C 36 7.86 20.61 2.83
N GLU C 37 7.42 20.81 4.07
CA GLU C 37 6.93 22.12 4.48
C GLU C 37 7.99 23.20 4.35
N THR C 38 9.27 22.83 4.31
CA THR C 38 10.33 23.80 4.08
C THR C 38 10.48 24.17 2.60
N LEU C 39 9.82 23.43 1.70
CA LEU C 39 9.85 23.70 0.26
C LEU C 39 11.28 23.70 -0.28
N SER C 40 12.08 22.74 0.17
CA SER C 40 13.43 22.53 -0.34
C SER C 40 13.43 21.22 -1.12
N PHE C 41 13.37 21.30 -2.44
CA PHE C 41 13.23 20.13 -3.28
C PHE C 41 14.54 19.36 -3.37
N ARG C 42 14.42 18.04 -3.44
CA ARG C 42 15.57 17.15 -3.56
C ARG C 42 15.27 16.09 -4.62
N GLN C 43 16.32 15.55 -5.21
CA GLN C 43 16.18 14.54 -6.26
C GLN C 43 15.83 13.19 -5.65
N VAL C 44 14.83 12.53 -6.22
CA VAL C 44 14.42 11.19 -5.81
C VAL C 44 14.31 10.33 -7.06
N VAL C 45 14.88 9.13 -7.00
CA VAL C 45 14.92 8.23 -8.14
C VAL C 45 13.65 7.40 -8.16
N MET C 46 12.94 7.42 -9.29
CA MET C 46 11.74 6.63 -9.49
C MET C 46 12.03 5.53 -10.50
N GLU C 47 11.80 4.28 -10.08
CA GLU C 47 12.01 3.14 -10.96
C GLU C 47 10.81 2.81 -11.83
N ASP C 48 9.66 3.43 -11.56
CA ASP C 48 8.44 3.21 -12.33
C ASP C 48 8.02 4.52 -12.97
N SER C 49 7.73 4.48 -14.27
CA SER C 49 7.33 5.68 -14.99
C SER C 49 5.89 6.09 -14.67
N THR C 50 5.06 5.17 -14.18
CA THR C 50 3.67 5.45 -13.80
C THR C 50 3.43 4.95 -12.39
N PRO C 51 3.92 5.66 -11.38
CA PRO C 51 3.70 5.25 -9.99
C PRO C 51 2.42 5.87 -9.41
N ASN C 52 1.98 5.29 -8.31
CA ASN C 52 0.87 5.83 -7.55
C ASN C 52 1.40 6.59 -6.35
N GLY C 53 0.49 7.05 -5.49
CA GLY C 53 0.91 7.81 -4.31
C GLY C 53 1.76 6.98 -3.37
N SER C 54 1.45 5.69 -3.24
CA SER C 54 2.20 4.82 -2.35
C SER C 54 3.66 4.70 -2.79
N GLN C 55 3.88 4.53 -4.10
CA GLN C 55 5.26 4.41 -4.59
C GLN C 55 6.03 5.71 -4.42
N ILE C 56 5.39 6.85 -4.65
CA ILE C 56 6.04 8.14 -4.45
C ILE C 56 6.39 8.33 -2.98
N SER C 57 5.47 7.96 -2.08
CA SER C 57 5.76 8.07 -0.66
C SER C 57 6.90 7.16 -0.24
N ALA C 58 6.92 5.93 -0.76
CA ALA C 58 7.98 4.99 -0.41
C ALA C 58 9.33 5.46 -0.91
N ALA C 59 9.38 5.99 -2.14
CA ALA C 59 10.64 6.48 -2.68
C ALA C 59 11.16 7.70 -1.94
N SER C 60 10.29 8.44 -1.26
CA SER C 60 10.69 9.61 -0.49
C SER C 60 11.18 9.26 0.91
N GLY C 61 11.11 7.99 1.30
CA GLY C 61 11.59 7.56 2.60
C GLY C 61 10.51 7.40 3.66
N PHE C 62 9.27 7.12 3.27
CA PHE C 62 8.17 6.97 4.20
C PHE C 62 7.68 5.54 4.19
N LYS C 63 7.48 4.97 5.38
CA LYS C 63 6.94 3.63 5.50
C LYS C 63 5.47 3.62 5.08
N PRO C 64 4.96 2.46 4.65
CA PRO C 64 3.56 2.40 4.20
C PRO C 64 2.56 2.80 5.28
N ASP C 65 2.86 2.54 6.55
CA ASP C 65 1.94 2.90 7.62
C ASP C 65 1.86 4.39 7.86
N GLN C 66 2.91 5.15 7.54
CA GLN C 66 2.89 6.58 7.76
C GLN C 66 1.88 7.29 6.86
N MET C 67 1.78 6.87 5.60
CA MET C 67 0.83 7.39 4.63
C MET C 67 0.89 8.91 4.57
N PRO C 68 1.95 9.50 4.04
CA PRO C 68 2.05 10.96 4.01
C PRO C 68 1.17 11.56 2.94
N VAL C 69 0.90 12.86 3.11
CA VAL C 69 0.15 13.63 2.13
C VAL C 69 1.09 14.01 0.99
N VAL C 70 0.68 13.71 -0.24
CA VAL C 70 1.46 13.97 -1.44
C VAL C 70 0.69 14.96 -2.29
N LEU C 71 1.32 16.09 -2.60
CA LEU C 71 0.71 17.14 -3.42
C LEU C 71 1.60 17.39 -4.64
N MET C 72 1.07 17.14 -5.82
CA MET C 72 1.79 17.37 -7.06
C MET C 72 1.59 18.81 -7.52
N LEU C 73 2.69 19.44 -7.95
CA LEU C 73 2.65 20.82 -8.43
C LEU C 73 2.28 20.81 -9.91
N LEU C 74 1.10 21.35 -10.24
CA LEU C 74 0.67 21.43 -11.62
C LEU C 74 1.36 22.58 -12.34
N PRO C 75 1.50 22.49 -13.67
CA PRO C 75 2.16 23.58 -14.40
C PRO C 75 1.45 24.92 -14.26
N ASN C 76 0.12 24.93 -14.18
CA ASN C 76 -0.60 26.18 -14.05
C ASN C 76 -0.36 26.85 -12.71
N GLY C 77 -0.16 26.07 -11.66
CA GLY C 77 0.11 26.63 -10.34
C GLY C 77 -0.66 25.96 -9.23
N SER C 78 -1.64 25.14 -9.59
CA SER C 78 -2.47 24.47 -8.60
C SER C 78 -1.72 23.28 -8.00
N LEU C 79 -2.25 22.79 -6.87
CA LEU C 79 -1.74 21.63 -6.18
C LEU C 79 -2.78 20.51 -6.27
N GLU C 80 -2.36 19.35 -6.79
CA GLU C 80 -3.26 18.21 -6.94
C GLU C 80 -2.92 17.17 -5.89
N ASP C 81 -3.91 16.78 -5.10
CA ASP C 81 -3.70 15.73 -4.10
C ASP C 81 -3.62 14.38 -4.77
N ILE C 82 -2.61 13.60 -4.42
CA ILE C 82 -2.38 12.29 -5.01
C ILE C 82 -2.75 11.24 -3.97
N ARG C 83 -3.77 10.43 -4.28
CA ARG C 83 -4.18 9.36 -3.40
C ARG C 83 -3.13 8.25 -3.40
N PRO C 84 -3.11 7.42 -2.36
CA PRO C 84 -2.15 6.30 -2.34
C PRO C 84 -2.33 5.33 -3.49
N ASP C 85 -3.49 5.31 -4.15
CA ASP C 85 -3.74 4.43 -5.28
C ASP C 85 -4.02 5.20 -6.56
N GLU C 86 -3.58 6.46 -6.64
CA GLU C 86 -3.81 7.30 -7.82
C GLU C 86 -2.54 7.31 -8.66
N VAL C 87 -2.62 6.76 -9.86
CA VAL C 87 -1.45 6.64 -10.73
C VAL C 87 -1.13 7.98 -11.35
N VAL C 88 0.15 8.35 -11.36
CA VAL C 88 0.63 9.61 -11.94
C VAL C 88 1.58 9.27 -13.08
N ASP C 89 1.38 9.92 -14.22
CA ASP C 89 2.22 9.70 -15.40
C ASP C 89 3.41 10.66 -15.34
N LEU C 90 4.61 10.12 -15.16
CA LEU C 90 5.82 10.91 -15.04
C LEU C 90 6.56 11.09 -16.35
N SER C 91 6.07 10.50 -17.45
CA SER C 91 6.77 10.61 -18.72
C SER C 91 6.72 12.01 -19.31
N SER C 92 5.84 12.88 -18.82
CA SER C 92 5.72 14.23 -19.36
C SER C 92 6.99 15.04 -19.15
N GLU C 93 7.34 15.28 -17.90
CA GLU C 93 8.50 16.11 -17.55
C GLU C 93 8.86 15.81 -16.09
N VAL C 94 9.87 16.50 -15.57
CA VAL C 94 10.28 16.34 -14.18
C VAL C 94 9.26 17.07 -13.32
N ARG C 95 8.35 16.31 -12.71
CA ARG C 95 7.30 16.88 -11.88
C ARG C 95 7.77 17.02 -10.44
N ARG C 96 7.14 17.95 -9.72
CA ARG C 96 7.51 18.27 -8.36
C ARG C 96 6.40 17.86 -7.41
N PHE C 97 6.78 17.34 -6.24
CA PHE C 97 5.85 16.87 -5.24
C PHE C 97 6.23 17.43 -3.88
N ILE C 98 5.22 17.64 -3.05
CA ILE C 98 5.39 17.98 -1.65
C ILE C 98 4.86 16.80 -0.85
N VAL C 99 5.73 16.13 -0.12
CA VAL C 99 5.37 14.93 0.63
C VAL C 99 5.57 15.24 2.10
N VAL C 100 4.47 15.42 2.83
CA VAL C 100 4.51 15.81 4.23
C VAL C 100 3.65 14.85 5.03
N GLU C 101 4.22 14.26 6.07
CA GLU C 101 3.48 13.35 6.95
C GLU C 101 2.47 14.15 7.77
N SER C 102 1.19 14.07 7.40
CA SER C 102 0.15 14.79 8.10
C SER C 102 -1.17 14.04 7.93
N ASP C 103 -2.11 14.32 8.82
CA ASP C 103 -3.42 13.67 8.80
C ASP C 103 -4.52 14.61 8.30
N ARG C 104 -4.19 15.80 7.85
CA ARG C 104 -5.20 16.76 7.44
C ARG C 104 -4.58 17.75 6.47
N THR C 105 -5.44 18.45 5.75
CA THR C 105 -5.03 19.52 4.85
C THR C 105 -5.95 20.71 5.03
N TYR C 106 -5.36 21.90 4.97
CA TYR C 106 -6.11 23.15 5.07
C TYR C 106 -6.14 23.85 3.73
N PHE C 107 -7.27 24.47 3.42
CA PHE C 107 -7.45 25.18 2.16
C PHE C 107 -7.33 26.68 2.39
N PHE C 108 -6.55 27.34 1.54
CA PHE C 108 -6.50 28.79 1.51
C PHE C 108 -6.57 29.24 0.06
N THR C 109 -6.56 30.55 -0.17
CA THR C 109 -6.64 31.07 -1.52
C THR C 109 -5.63 32.20 -1.71
N ILE C 110 -5.06 32.27 -2.91
CA ILE C 110 -4.22 33.36 -3.34
C ILE C 110 -4.84 33.94 -4.60
N ASP C 111 -5.30 35.20 -4.52
CA ASP C 111 -5.94 35.88 -5.63
C ASP C 111 -7.09 35.05 -6.20
N GLY C 112 -7.83 34.39 -5.31
CA GLY C 112 -8.96 33.59 -5.71
C GLY C 112 -8.64 32.18 -6.17
N ALA C 113 -7.36 31.81 -6.24
CA ALA C 113 -6.96 30.47 -6.64
C ALA C 113 -6.74 29.63 -5.38
N ARG C 114 -7.40 28.48 -5.31
CA ARG C 114 -7.35 27.65 -4.11
C ARG C 114 -6.06 26.86 -4.06
N LEU C 115 -5.48 26.78 -2.86
CA LEU C 115 -4.28 26.01 -2.60
C LEU C 115 -4.47 25.22 -1.32
N GLU C 116 -3.69 24.15 -1.20
CA GLU C 116 -3.82 23.17 -0.14
C GLU C 116 -2.50 23.06 0.63
N TRP C 117 -2.59 22.98 1.95
CA TRP C 117 -1.39 22.92 2.77
C TRP C 117 -1.55 21.93 3.91
N PRO C 118 -0.65 20.95 4.03
CA PRO C 118 -0.82 19.92 5.07
C PRO C 118 -0.64 20.42 6.49
N CYS C 119 -0.01 21.57 6.69
CA CYS C 119 0.24 22.11 8.02
C CYS C 119 -0.71 23.25 8.33
N ARG C 120 -0.89 23.52 9.62
CA ARG C 120 -1.78 24.59 10.06
C ARG C 120 -1.10 25.94 10.16
N PHE C 121 0.22 25.97 10.29
CA PHE C 121 0.99 27.22 10.34
C PHE C 121 1.79 27.34 9.06
N ILE C 122 1.62 28.47 8.36
CA ILE C 122 2.32 28.70 7.09
C ILE C 122 2.95 30.08 7.13
N THR C 123 4.19 30.19 6.67
CA THR C 123 4.89 31.46 6.65
C THR C 123 4.59 32.20 5.35
N GLY C 124 4.83 33.52 5.37
CA GLY C 124 4.64 34.32 4.18
C GLY C 124 5.55 33.91 3.04
N TYR C 125 6.78 33.48 3.36
CA TYR C 125 7.69 32.99 2.33
C TYR C 125 7.11 31.77 1.62
N SER C 126 6.53 30.85 2.38
CA SER C 126 5.92 29.67 1.78
C SER C 126 4.73 30.05 0.91
N ILE C 127 3.95 31.04 1.35
CA ILE C 127 2.81 31.51 0.55
C ILE C 127 3.30 32.10 -0.77
N ARG C 128 4.36 32.90 -0.72
CA ARG C 128 4.91 33.48 -1.94
C ARG C 128 5.44 32.39 -2.86
N GLN C 129 6.12 31.39 -2.30
CA GLN C 129 6.64 30.30 -3.13
C GLN C 129 5.50 29.52 -3.80
N LEU C 130 4.43 29.24 -3.06
CA LEU C 130 3.33 28.48 -3.61
C LEU C 130 2.58 29.27 -4.68
N GLY C 131 2.31 30.55 -4.40
CA GLY C 131 1.58 31.39 -5.33
C GLY C 131 2.41 32.01 -6.43
N ASP C 132 3.73 31.80 -6.42
CA ASP C 132 4.64 32.39 -7.40
C ASP C 132 4.49 33.91 -7.43
N ILE C 133 4.37 34.51 -6.25
CA ILE C 133 4.21 35.95 -6.14
C ILE C 133 5.58 36.61 -6.22
N GLY C 134 5.71 37.59 -7.10
CA GLY C 134 6.98 38.28 -7.25
C GLY C 134 7.33 39.08 -6.02
N ASP C 135 8.63 39.29 -5.82
CA ASP C 135 9.12 40.02 -4.66
C ASP C 135 8.80 41.51 -4.73
N ASN C 136 8.33 42.00 -5.87
CA ASN C 136 7.96 43.40 -6.02
C ASN C 136 6.51 43.67 -5.62
N LYS C 137 5.81 42.67 -5.10
CA LYS C 137 4.42 42.82 -4.69
C LYS C 137 4.28 42.65 -3.19
N LYS C 138 3.19 43.18 -2.66
CA LYS C 138 2.86 43.13 -1.24
C LYS C 138 1.81 42.05 -1.01
N LEU C 139 2.02 41.23 0.00
CA LEU C 139 1.10 40.16 0.36
C LEU C 139 0.23 40.60 1.54
N LEU C 140 -1.07 40.37 1.42
CA LEU C 140 -2.04 40.79 2.41
C LEU C 140 -2.98 39.63 2.75
N LEU C 141 -3.48 39.63 3.98
CA LEU C 141 -4.49 38.69 4.43
C LEU C 141 -5.82 39.42 4.53
N GLU C 142 -6.82 38.92 3.82
CA GLU C 142 -8.11 39.60 3.79
C GLU C 142 -8.79 39.55 5.15
N ARG C 143 -9.38 40.69 5.54
CA ARG C 143 -10.11 40.82 6.79
C ARG C 143 -11.40 41.58 6.53
N GLU C 144 -12.36 41.39 7.43
CA GLU C 144 -13.66 42.04 7.31
C GLU C 144 -13.95 43.05 8.41
N ASP C 145 -13.47 42.80 9.63
CA ASP C 145 -13.70 43.72 10.74
C ASP C 145 -12.64 44.80 10.86
N GLU C 146 -11.57 44.73 10.06
CA GLU C 146 -10.50 45.73 10.11
C GLU C 146 -9.74 45.66 8.80
N ALA C 147 -8.69 46.49 8.70
CA ALA C 147 -7.89 46.55 7.49
C ALA C 147 -7.18 45.22 7.24
N ASP C 148 -6.97 44.91 5.96
CA ASP C 148 -6.30 43.67 5.61
C ASP C 148 -4.88 43.64 6.18
N LEU C 149 -4.52 42.52 6.76
CA LEU C 149 -3.24 42.39 7.44
C LEU C 149 -2.13 42.07 6.44
N GLU C 150 -1.03 42.82 6.53
CA GLU C 150 0.12 42.58 5.67
C GLU C 150 0.95 41.43 6.25
N VAL C 151 1.35 40.50 5.39
CA VAL C 151 2.07 39.30 5.80
C VAL C 151 3.52 39.45 5.39
N GLN C 152 4.42 39.38 6.37
CA GLN C 152 5.85 39.43 6.10
C GLN C 152 6.35 38.05 5.68
N ASN C 153 7.62 37.98 5.29
CA ASN C 153 8.19 36.71 4.86
C ASN C 153 8.25 35.72 6.03
N ASP C 154 8.64 36.18 7.21
CA ASP C 154 8.77 35.31 8.38
C ASP C 154 7.53 35.29 9.25
N GLN C 155 6.48 36.03 8.88
CA GLN C 155 5.26 36.03 9.68
C GLN C 155 4.51 34.72 9.49
N ILE C 156 3.93 34.21 10.58
CA ILE C 156 3.27 32.92 10.59
C ILE C 156 1.76 33.14 10.64
N ILE C 157 1.04 32.52 9.71
CA ILE C 157 -0.41 32.57 9.64
C ILE C 157 -0.95 31.20 10.02
N ASP C 158 -1.93 31.19 10.93
CA ASP C 158 -2.54 29.96 11.40
C ASP C 158 -3.75 29.65 10.52
N LEU C 159 -3.66 28.54 9.76
CA LEU C 159 -4.75 28.13 8.90
C LEU C 159 -5.87 27.42 9.65
N ASP C 160 -5.67 27.09 10.92
CA ASP C 160 -6.68 26.38 11.69
C ASP C 160 -7.90 27.24 12.00
N GLY C 161 -7.83 28.54 11.76
CA GLY C 161 -8.99 29.38 11.97
C GLY C 161 -10.14 29.01 11.05
N ASP C 162 -11.36 29.22 11.54
CA ASP C 162 -12.54 28.84 10.79
C ASP C 162 -12.62 29.65 9.49
N GLY C 163 -13.09 28.98 8.44
CA GLY C 163 -13.19 29.60 7.14
C GLY C 163 -11.90 29.48 6.33
N ILE C 164 -12.03 29.71 5.03
CA ILE C 164 -10.89 29.64 4.13
C ILE C 164 -10.15 30.97 4.16
N GLU C 165 -8.88 30.92 4.55
CA GLU C 165 -8.07 32.13 4.58
C GLU C 165 -7.77 32.60 3.17
N ARG C 166 -7.95 33.90 2.92
CA ARG C 166 -7.79 34.48 1.61
C ARG C 166 -6.60 35.44 1.60
N PHE C 167 -5.70 35.25 0.64
CA PHE C 167 -4.52 36.08 0.50
C PHE C 167 -4.59 36.86 -0.81
N ILE C 168 -3.99 38.05 -0.79
CA ILE C 168 -4.11 39.01 -1.87
C ILE C 168 -2.73 39.57 -2.18
N SER C 169 -2.44 39.76 -3.46
CA SER C 169 -1.19 40.38 -3.90
C SER C 169 -1.50 41.73 -4.52
N ARG C 170 -0.86 42.78 -4.01
CA ARG C 170 -1.07 44.14 -4.48
C ARG C 170 0.28 44.76 -4.84
N LYS C 171 0.24 45.96 -5.40
CA LYS C 171 1.47 46.68 -5.69
C LYS C 171 2.13 47.12 -4.40
N ALA C 172 3.46 47.09 -4.38
CA ALA C 172 4.24 47.40 -3.19
C ALA C 172 4.26 48.91 -2.97
N THR C 173 3.14 49.43 -2.48
CA THR C 173 3.00 50.83 -2.16
C THR C 173 2.42 50.97 -0.75
N TRP C 174 2.99 51.88 0.03
CA TRP C 174 2.55 52.13 1.39
C TRP C 174 2.15 53.60 1.54
N LYS C 175 1.04 53.83 2.23
CA LYS C 175 0.53 55.18 2.43
C LYS C 175 1.07 55.80 3.71
N ARG D 30 -27.92 16.28 -18.55
CA ARG D 30 -27.16 15.45 -17.63
C ARG D 30 -27.74 15.52 -16.22
N PHE D 31 -27.43 14.52 -15.41
CA PHE D 31 -27.85 14.48 -14.01
C PHE D 31 -26.70 13.95 -13.16
N ILE D 32 -26.56 14.51 -11.96
CA ILE D 32 -25.61 14.01 -10.99
C ILE D 32 -26.33 13.86 -9.66
N GLU D 33 -25.73 13.10 -8.75
CA GLU D 33 -26.23 12.97 -7.39
C GLU D 33 -25.26 13.69 -6.45
N VAL D 34 -25.80 14.57 -5.62
CA VAL D 34 -25.02 15.40 -4.72
C VAL D 34 -25.51 15.19 -3.29
N ALA D 35 -24.58 14.97 -2.37
CA ALA D 35 -24.90 14.77 -0.97
C ALA D 35 -24.02 15.68 -0.12
N ASP D 36 -24.17 15.54 1.20
CA ASP D 36 -23.44 16.33 2.17
C ASP D 36 -23.03 15.39 3.30
N GLU D 37 -22.66 15.95 4.45
CA GLU D 37 -22.23 15.14 5.57
C GLU D 37 -23.30 14.14 6.02
N THR D 38 -24.57 14.40 5.70
CA THR D 38 -25.62 13.44 5.99
C THR D 38 -25.69 12.29 4.99
N LEU D 39 -24.95 12.39 3.88
CA LEU D 39 -24.90 11.34 2.86
C LEU D 39 -26.28 10.99 2.32
N SER D 40 -27.09 12.01 2.09
CA SER D 40 -28.40 11.86 1.47
C SER D 40 -28.34 12.49 0.08
N PHE D 41 -28.18 11.66 -0.95
CA PHE D 41 -27.96 12.13 -2.30
C PHE D 41 -29.25 12.68 -2.91
N ARG D 42 -29.11 13.73 -3.72
CA ARG D 42 -30.23 14.35 -4.40
C ARG D 42 -29.84 14.62 -5.84
N GLN D 43 -30.85 14.69 -6.71
CA GLN D 43 -30.62 14.92 -8.13
C GLN D 43 -30.29 16.38 -8.39
N VAL D 44 -29.24 16.61 -9.18
CA VAL D 44 -28.82 17.95 -9.58
C VAL D 44 -28.63 17.94 -11.10
N VAL D 45 -29.18 18.94 -11.77
CA VAL D 45 -29.12 19.02 -13.23
C VAL D 45 -27.83 19.72 -13.63
N MET D 46 -27.06 19.06 -14.50
CA MET D 46 -25.83 19.62 -15.04
C MET D 46 -26.04 19.95 -16.51
N GLU D 47 -25.82 21.19 -16.88
CA GLU D 47 -25.95 21.62 -18.27
C GLU D 47 -24.68 21.42 -19.09
N ASP D 48 -23.56 21.10 -18.43
CA ASP D 48 -22.29 20.87 -19.11
C ASP D 48 -21.86 19.43 -18.85
N SER D 49 -21.48 18.72 -19.92
CA SER D 49 -21.04 17.34 -19.79
C SER D 49 -19.64 17.22 -19.21
N THR D 50 -18.84 18.29 -19.28
CA THR D 50 -17.48 18.29 -18.72
C THR D 50 -17.32 19.53 -17.83
N PRO D 51 -17.89 19.51 -16.64
CA PRO D 51 -17.74 20.66 -15.73
C PRO D 51 -16.54 20.51 -14.83
N ASN D 52 -16.15 21.64 -14.23
CA ASN D 52 -15.10 21.65 -13.23
C ASN D 52 -15.72 21.71 -11.84
N GLY D 53 -14.88 21.85 -10.81
CA GLY D 53 -15.39 21.90 -9.46
C GLY D 53 -16.29 23.11 -9.20
N SER D 54 -15.96 24.24 -9.84
CA SER D 54 -16.76 25.44 -9.65
C SER D 54 -18.18 25.25 -10.18
N GLN D 55 -18.32 24.63 -11.35
CA GLN D 55 -19.65 24.41 -11.91
C GLN D 55 -20.46 23.44 -11.07
N ILE D 56 -19.81 22.39 -10.56
CA ILE D 56 -20.51 21.44 -9.70
C ILE D 56 -20.95 22.11 -8.41
N SER D 57 -20.10 22.95 -7.84
CA SER D 57 -20.48 23.68 -6.63
C SER D 57 -21.63 24.63 -6.90
N ALA D 58 -21.58 25.34 -8.03
CA ALA D 58 -22.65 26.29 -8.35
C ALA D 58 -23.98 25.58 -8.58
N ALA D 59 -23.95 24.44 -9.27
CA ALA D 59 -25.18 23.69 -9.51
C ALA D 59 -25.77 23.11 -8.24
N SER D 60 -24.95 22.92 -7.20
CA SER D 60 -25.44 22.40 -5.93
C SER D 60 -26.01 23.48 -5.02
N GLY D 61 -25.95 24.74 -5.43
CA GLY D 61 -26.49 25.83 -4.65
C GLY D 61 -25.49 26.59 -3.81
N PHE D 62 -24.22 26.62 -4.20
CA PHE D 62 -23.18 27.31 -3.45
C PHE D 62 -22.66 28.50 -4.26
N LYS D 63 -22.55 29.65 -3.61
CA LYS D 63 -21.99 30.82 -4.25
C LYS D 63 -20.50 30.63 -4.50
N PRO D 64 -19.94 31.34 -5.50
CA PRO D 64 -18.50 31.17 -5.79
C PRO D 64 -17.59 31.49 -4.63
N ASP D 65 -17.96 32.42 -3.76
CA ASP D 65 -17.12 32.77 -2.62
C ASP D 65 -17.08 31.68 -1.55
N GLN D 66 -18.14 30.86 -1.45
CA GLN D 66 -18.15 29.81 -0.44
C GLN D 66 -17.09 28.74 -0.71
N MET D 67 -16.91 28.35 -1.97
CA MET D 67 -15.90 27.39 -2.40
C MET D 67 -15.97 26.12 -1.57
N PRO D 68 -17.02 25.31 -1.74
CA PRO D 68 -17.15 24.10 -0.92
C PRO D 68 -16.19 23.01 -1.38
N VAL D 69 -15.96 22.06 -0.49
CA VAL D 69 -15.16 20.87 -0.80
C VAL D 69 -16.03 19.89 -1.57
N VAL D 70 -15.53 19.45 -2.72
CA VAL D 70 -16.24 18.50 -3.59
C VAL D 70 -15.44 17.23 -3.66
N LEU D 71 -16.07 16.11 -3.31
CA LEU D 71 -15.42 14.80 -3.34
C LEU D 71 -16.23 13.87 -4.23
N MET D 72 -15.61 13.40 -5.31
CA MET D 72 -16.26 12.49 -6.23
C MET D 72 -16.06 11.05 -5.77
N LEU D 73 -17.13 10.26 -5.81
CA LEU D 73 -17.08 8.86 -5.43
C LEU D 73 -16.61 8.02 -6.61
N LEU D 74 -15.44 7.42 -6.48
CA LEU D 74 -14.91 6.58 -7.54
C LEU D 74 -15.57 5.20 -7.51
N PRO D 75 -15.62 4.51 -8.65
CA PRO D 75 -16.24 3.17 -8.66
C PRO D 75 -15.57 2.18 -7.73
N ASN D 76 -14.25 2.26 -7.57
CA ASN D 76 -13.56 1.31 -6.70
C ASN D 76 -13.90 1.53 -5.24
N GLY D 77 -14.15 2.78 -4.83
CA GLY D 77 -14.52 3.07 -3.46
C GLY D 77 -13.81 4.27 -2.90
N SER D 78 -12.80 4.76 -3.60
CA SER D 78 -12.02 5.90 -3.13
C SER D 78 -12.78 7.20 -3.37
N LEU D 79 -12.32 8.26 -2.69
CA LEU D 79 -12.87 9.60 -2.84
C LEU D 79 -11.80 10.48 -3.49
N GLU D 80 -12.16 11.13 -4.60
CA GLU D 80 -11.25 11.99 -5.32
C GLU D 80 -11.63 13.44 -5.10
N ASP D 81 -10.69 14.24 -4.61
CA ASP D 81 -10.95 15.66 -4.41
C ASP D 81 -10.95 16.37 -5.75
N ILE D 82 -11.98 17.19 -5.97
CA ILE D 82 -12.14 17.92 -7.22
C ILE D 82 -11.82 19.39 -6.96
N ARG D 83 -10.77 19.89 -7.62
CA ARG D 83 -10.40 21.28 -7.48
C ARG D 83 -11.43 22.15 -8.18
N PRO D 84 -11.50 23.45 -7.82
CA PRO D 84 -12.44 24.34 -8.51
C PRO D 84 -12.17 24.48 -10.00
N ASP D 85 -10.97 24.15 -10.46
CA ASP D 85 -10.63 24.22 -11.89
C ASP D 85 -10.27 22.86 -12.46
N GLU D 86 -10.73 21.77 -11.84
CA GLU D 86 -10.44 20.41 -12.29
C GLU D 86 -11.66 19.89 -13.05
N VAL D 87 -11.48 19.65 -14.35
CA VAL D 87 -12.59 19.22 -15.20
C VAL D 87 -12.89 17.74 -14.95
N VAL D 88 -14.17 17.42 -14.83
CA VAL D 88 -14.64 16.06 -14.61
C VAL D 88 -15.51 15.65 -15.79
N ASP D 89 -15.25 14.46 -16.34
CA ASP D 89 -16.00 13.94 -17.47
C ASP D 89 -17.20 13.17 -16.94
N LEU D 90 -18.41 13.68 -17.20
CA LEU D 90 -19.63 13.06 -16.71
C LEU D 90 -20.29 12.15 -17.73
N SER D 91 -19.72 12.01 -18.93
CA SER D 91 -20.33 11.18 -19.95
C SER D 91 -20.27 9.70 -19.62
N SER D 92 -19.44 9.29 -18.67
CA SER D 92 -19.30 7.88 -18.31
C SER D 92 -20.59 7.31 -17.76
N GLU D 93 -21.04 7.82 -16.62
CA GLU D 93 -22.24 7.32 -15.94
C GLU D 93 -22.68 8.39 -14.95
N VAL D 94 -23.73 8.10 -14.19
CA VAL D 94 -24.24 9.02 -13.18
C VAL D 94 -23.29 8.95 -11.99
N ARG D 95 -22.40 9.94 -11.88
CA ARG D 95 -21.41 9.98 -10.80
C ARG D 95 -21.99 10.68 -9.58
N ARG D 96 -21.43 10.35 -8.42
CA ARG D 96 -21.89 10.86 -7.14
C ARG D 96 -20.83 11.78 -6.53
N PHE D 97 -21.29 12.87 -5.91
CA PHE D 97 -20.41 13.85 -5.30
C PHE D 97 -20.90 14.16 -3.89
N ILE D 98 -19.95 14.49 -3.02
CA ILE D 98 -20.21 15.02 -1.70
C ILE D 98 -19.71 16.45 -1.70
N VAL D 99 -20.62 17.40 -1.55
CA VAL D 99 -20.29 18.83 -1.61
C VAL D 99 -20.60 19.41 -0.24
N VAL D 100 -19.55 19.71 0.53
CA VAL D 100 -19.69 20.20 1.89
C VAL D 100 -18.87 21.46 2.04
N GLU D 101 -19.49 22.54 2.53
CA GLU D 101 -18.79 23.80 2.75
C GLU D 101 -17.86 23.64 3.95
N SER D 102 -16.56 23.52 3.69
CA SER D 102 -15.58 23.37 4.74
C SER D 102 -14.24 23.92 4.25
N ASP D 103 -13.36 24.22 5.20
CA ASP D 103 -12.04 24.77 4.90
C ASP D 103 -10.93 23.75 5.10
N ARG D 104 -11.25 22.50 5.39
CA ARG D 104 -10.24 21.51 5.68
C ARG D 104 -10.81 20.12 5.41
N THR D 105 -9.91 19.15 5.29
CA THR D 105 -10.28 17.75 5.14
C THR D 105 -9.40 16.91 6.03
N TYR D 106 -9.99 15.88 6.64
CA TYR D 106 -9.28 14.95 7.50
C TYR D 106 -9.17 13.60 6.80
N PHE D 107 -8.04 12.94 6.98
CA PHE D 107 -7.78 11.64 6.38
C PHE D 107 -7.95 10.54 7.42
N PHE D 108 -8.67 9.49 7.05
CA PHE D 108 -8.75 8.29 7.87
C PHE D 108 -8.60 7.09 6.94
N THR D 109 -8.61 5.89 7.51
CA THR D 109 -8.46 4.68 6.71
C THR D 109 -9.47 3.63 7.15
N ILE D 110 -9.94 2.87 6.17
CA ILE D 110 -10.79 1.71 6.40
C ILE D 110 -10.10 0.52 5.74
N ASP D 111 -9.67 -0.44 6.57
CA ASP D 111 -8.96 -1.63 6.09
C ASP D 111 -7.76 -1.26 5.22
N GLY D 112 -7.07 -0.18 5.61
CA GLY D 112 -5.90 0.27 4.90
C GLY D 112 -6.17 1.15 3.69
N ALA D 113 -7.43 1.38 3.34
CA ALA D 113 -7.79 2.24 2.22
C ALA D 113 -8.08 3.64 2.74
N ARG D 114 -7.39 4.64 2.19
CA ARG D 114 -7.52 6.00 2.68
C ARG D 114 -8.79 6.65 2.17
N LEU D 115 -9.44 7.40 3.07
CA LEU D 115 -10.65 8.14 2.76
C LEU D 115 -10.54 9.53 3.38
N GLU D 116 -11.30 10.46 2.80
CA GLU D 116 -11.22 11.87 3.10
C GLU D 116 -12.57 12.37 3.59
N TRP D 117 -12.58 13.21 4.62
CA TRP D 117 -13.84 13.68 5.18
C TRP D 117 -13.74 15.17 5.54
N PRO D 118 -14.62 16.01 5.01
CA PRO D 118 -14.50 17.45 5.29
C PRO D 118 -14.79 17.85 6.72
N CYS D 119 -15.45 17.01 7.51
CA CYS D 119 -15.80 17.34 8.88
C CYS D 119 -14.87 16.60 9.86
N ARG D 120 -14.80 17.13 11.07
CA ARG D 120 -13.95 16.53 12.09
C ARG D 120 -14.66 15.46 12.92
N PHE D 121 -15.99 15.48 12.96
CA PHE D 121 -16.78 14.48 13.67
C PHE D 121 -17.50 13.62 12.64
N ILE D 122 -17.31 12.30 12.73
CA ILE D 122 -17.91 11.37 11.80
C ILE D 122 -18.57 10.24 12.58
N THR D 123 -19.78 9.87 12.19
CA THR D 123 -20.49 8.79 12.86
C THR D 123 -20.13 7.44 12.25
N GLY D 124 -20.40 6.38 13.01
CA GLY D 124 -20.14 5.05 12.50
C GLY D 124 -20.96 4.69 11.28
N TYR D 125 -22.20 5.21 11.21
CA TYR D 125 -23.03 4.98 10.04
C TYR D 125 -22.40 5.59 8.80
N SER D 126 -21.85 6.80 8.91
CA SER D 126 -21.17 7.43 7.78
C SER D 126 -19.94 6.63 7.37
N ILE D 127 -19.20 6.11 8.35
CA ILE D 127 -18.03 5.30 8.04
C ILE D 127 -18.43 4.04 7.28
N ARG D 128 -19.51 3.39 7.72
CA ARG D 128 -19.99 2.20 7.02
C ARG D 128 -20.45 2.54 5.60
N GLN D 129 -21.13 3.67 5.44
CA GLN D 129 -21.58 4.07 4.11
C GLN D 129 -20.39 4.35 3.19
N LEU D 130 -19.37 5.03 3.69
CA LEU D 130 -18.21 5.35 2.87
C LEU D 130 -17.41 4.11 2.52
N GLY D 131 -17.18 3.24 3.50
CA GLY D 131 -16.41 2.04 3.25
C GLY D 131 -17.17 0.87 2.68
N ASP D 132 -18.49 1.02 2.47
CA ASP D 132 -19.34 -0.05 1.96
C ASP D 132 -19.22 -1.30 2.82
N ILE D 133 -19.18 -1.12 4.13
CA ILE D 133 -19.05 -2.23 5.07
C ILE D 133 -20.43 -2.84 5.30
N GLY D 134 -20.52 -4.16 5.12
CA GLY D 134 -21.78 -4.84 5.33
C GLY D 134 -22.23 -4.78 6.77
N ASP D 135 -23.55 -4.88 6.96
CA ASP D 135 -24.12 -4.82 8.30
C ASP D 135 -23.83 -6.06 9.12
N ASN D 136 -23.28 -7.12 8.50
CA ASN D 136 -22.93 -8.33 9.22
C ASN D 136 -21.52 -8.29 9.79
N LYS D 137 -20.83 -7.16 9.68
CA LYS D 137 -19.48 -7.01 10.19
C LYS D 137 -19.44 -6.01 11.32
N LYS D 138 -18.39 -6.11 12.13
CA LYS D 138 -18.16 -5.24 13.27
C LYS D 138 -17.10 -4.21 12.92
N LEU D 139 -17.37 -2.95 13.26
CA LEU D 139 -16.45 -1.84 12.99
C LEU D 139 -15.67 -1.51 14.25
N LEU D 140 -14.36 -1.36 14.11
CA LEU D 140 -13.47 -1.10 15.23
C LEU D 140 -12.54 0.06 14.89
N LEU D 141 -12.11 0.78 15.93
CA LEU D 141 -11.12 1.83 15.81
C LEU D 141 -9.82 1.33 16.40
N GLU D 142 -8.76 1.35 15.60
CA GLU D 142 -7.48 0.81 16.05
C GLU D 142 -6.90 1.64 17.18
N ARG D 143 -6.37 0.96 18.18
CA ARG D 143 -5.71 1.59 19.32
C ARG D 143 -4.42 0.85 19.63
N GLU D 144 -3.51 1.53 20.32
CA GLU D 144 -2.22 0.97 20.69
C GLU D 144 -2.04 0.79 22.18
N ASP D 145 -2.59 1.68 23.00
CA ASP D 145 -2.45 1.58 24.45
C ASP D 145 -3.53 0.73 25.10
N GLU D 146 -4.54 0.31 24.34
CA GLU D 146 -5.63 -0.49 24.88
C GLU D 146 -6.30 -1.23 23.73
N ALA D 147 -7.36 -1.97 24.06
CA ALA D 147 -8.07 -2.74 23.05
C ALA D 147 -8.74 -1.82 22.04
N ASP D 148 -8.86 -2.31 20.81
CA ASP D 148 -9.48 -1.52 19.76
C ASP D 148 -10.93 -1.20 20.12
N LEU D 149 -11.32 0.06 19.92
CA LEU D 149 -12.64 0.51 20.32
C LEU D 149 -13.67 0.17 19.25
N GLU D 150 -14.78 -0.42 19.68
CA GLU D 150 -15.88 -0.73 18.77
C GLU D 150 -16.71 0.51 18.53
N VAL D 151 -17.05 0.76 17.27
CA VAL D 151 -17.76 1.97 16.86
C VAL D 151 -19.20 1.57 16.51
N GLN D 152 -20.15 2.17 17.22
CA GLN D 152 -21.56 1.94 16.94
C GLN D 152 -22.01 2.82 15.78
N ASN D 153 -23.25 2.62 15.33
CA ASN D 153 -23.77 3.41 14.21
C ASN D 153 -23.89 4.88 14.58
N ASP D 154 -24.36 5.17 15.79
CA ASP D 154 -24.56 6.55 16.23
C ASP D 154 -23.37 7.10 17.02
N GLN D 155 -22.32 6.31 17.21
CA GLN D 155 -21.16 6.79 17.93
C GLN D 155 -20.37 7.77 17.07
N ILE D 156 -19.86 8.83 17.70
CA ILE D 156 -19.17 9.91 17.01
C ILE D 156 -17.67 9.78 17.27
N ILE D 157 -16.88 9.79 16.20
CA ILE D 157 -15.44 9.74 16.27
C ILE D 157 -14.90 11.09 15.83
N ASP D 158 -13.98 11.64 16.62
CA ASP D 158 -13.37 12.93 16.34
C ASP D 158 -12.11 12.72 15.51
N LEU D 159 -12.13 13.17 14.26
CA LEU D 159 -10.98 13.05 13.39
C LEU D 159 -9.90 14.08 13.66
N ASP D 160 -10.18 15.08 14.50
CA ASP D 160 -9.21 16.14 14.78
C ASP D 160 -8.02 15.63 15.59
N GLY D 161 -8.10 14.42 16.15
CA GLY D 161 -6.97 13.89 16.88
C GLY D 161 -5.76 13.70 16.00
N ASP D 162 -4.59 13.83 16.59
CA ASP D 162 -3.34 13.74 15.84
C ASP D 162 -3.19 12.33 15.25
N GLY D 163 -2.65 12.27 14.04
CA GLY D 163 -2.47 11.02 13.34
C GLY D 163 -3.69 10.63 12.54
N ILE D 164 -3.48 9.70 11.61
CA ILE D 164 -4.55 9.21 10.76
C ILE D 164 -5.32 8.12 11.51
N GLU D 165 -6.62 8.35 11.71
CA GLU D 165 -7.45 7.37 12.39
C GLU D 165 -7.66 6.16 11.49
N ARG D 166 -7.49 4.97 12.05
CA ARG D 166 -7.57 3.72 11.30
C ARG D 166 -8.77 2.91 11.77
N PHE D 167 -9.60 2.49 10.82
CA PHE D 167 -10.79 1.70 11.11
C PHE D 167 -10.64 0.31 10.51
N ILE D 168 -11.26 -0.66 11.16
CA ILE D 168 -11.09 -2.06 10.84
C ILE D 168 -12.46 -2.74 10.82
N SER D 169 -12.67 -3.63 9.88
CA SER D 169 -13.89 -4.42 9.79
C SER D 169 -13.57 -5.88 10.09
N ARG D 170 -14.26 -6.45 11.06
CA ARG D 170 -14.05 -7.83 11.48
C ARG D 170 -15.37 -8.58 11.44
N LYS D 171 -15.32 -9.88 11.69
CA LYS D 171 -16.54 -10.67 11.80
C LYS D 171 -17.30 -10.30 13.06
N ALA D 172 -18.63 -10.30 12.96
CA ALA D 172 -19.48 -9.88 14.07
C ALA D 172 -19.54 -10.99 15.10
N THR D 173 -18.46 -11.10 15.88
CA THR D 173 -18.38 -12.06 16.97
C THR D 173 -17.89 -11.35 18.23
N TRP D 174 -18.52 -11.66 19.35
CA TRP D 174 -18.18 -11.07 20.63
C TRP D 174 -17.81 -12.17 21.62
N LYS D 175 -16.75 -11.94 22.39
CA LYS D 175 -16.29 -12.92 23.36
C LYS D 175 -16.92 -12.70 24.73
CA CA E . 6.00 -29.55 3.95
CA CA F . 9.48 -11.52 -6.13
CA CA G . 3.11 1.67 -12.75
CA CA H . 10.85 -43.86 -2.42
CA CA I . 1.11 -15.75 10.90
CA CA J . 11.70 -14.32 -7.05
CA CA K . 25.27 -17.53 -14.98
CA CA L . -4.44 -2.41 18.34
CA CA M . -8.85 28.00 7.84
CA CA N . -6.38 13.20 -6.74
CA CA O . -11.15 43.69 3.66
CA CA P . -6.82 12.66 12.70
CA CA Q . -8.09 16.24 -7.84
CA CA R . -16.79 22.14 -19.95
#